data_3EVN
#
_entry.id   3EVN
#
_cell.length_a   65.090
_cell.length_b   65.090
_cell.length_c   291.730
_cell.angle_alpha   90.000
_cell.angle_beta   90.000
_cell.angle_gamma   120.000
#
_symmetry.space_group_name_H-M   'P 65 2 2'
#
loop_
_entity.id
_entity.type
_entity.pdbx_description
1 polymer 'Oxidoreductase, Gfo/Idh/MocA family'
2 water water
#
_entity_poly.entity_id   1
_entity_poly.type   'polypeptide(L)'
_entity_poly.pdbx_seq_one_letter_code
;MSLSKVRYGVVSTAKVAPRFIEGVRLAGNGEVVAVSSRTLESAQAFANKYHLPKAYDKLEDMLADESIDVIYVATINQDH
YKVAKAALLAGKHVLVEKPFTLTYDQANELFALAESCNLFLMEAQKSVFIPMTQVIKKLLASGEIGEVISISSTTAYPNI
DHVTWFRELELGGGTVHFMAPYALSYLQYLFDATITHASGTATFPKGQSDSQSKLLLQLSNGVLVDIFLTTRLNLPHEMI
IYGTEGRLIIPHFWKTTHAKLVRNDTSARTIQVDMVSDFEKEAYHVSQMILEGQRVSHIMTPQLTLSGVKIIEDLYRSWG
KEGHHHHHH
;
_entity_poly.pdbx_strand_id   A
#
# COMPACT_ATOMS: atom_id res chain seq x y z
N LYS A 5 15.65 5.74 16.37
CA LYS A 5 16.76 6.68 16.03
C LYS A 5 16.54 7.49 14.75
N VAL A 6 15.75 6.96 13.80
CA VAL A 6 15.43 7.69 12.58
C VAL A 6 14.18 8.50 12.87
N ARG A 7 14.24 9.80 12.60
CA ARG A 7 13.18 10.68 13.09
C ARG A 7 12.21 11.00 11.95
N TYR A 8 10.93 10.67 12.20
CA TYR A 8 9.84 10.83 11.24
C TYR A 8 8.88 11.96 11.57
N GLY A 9 8.25 12.49 10.53
CA GLY A 9 7.20 13.47 10.68
C GLY A 9 6.00 12.91 9.95
N VAL A 10 4.85 12.95 10.59
CA VAL A 10 3.64 12.39 10.03
C VAL A 10 2.68 13.49 9.52
N VAL A 11 2.26 13.34 8.27
CA VAL A 11 1.36 14.33 7.66
C VAL A 11 -0.07 13.79 7.64
N SER A 12 -0.98 14.51 8.31
CA SER A 12 -2.34 14.03 8.66
C SER A 12 -2.42 13.68 10.16
N THR A 13 -3.63 13.81 10.72
CA THR A 13 -3.98 13.06 11.95
C THR A 13 -4.84 11.85 11.54
N ALA A 14 -4.98 11.64 10.24
CA ALA A 14 -5.74 10.51 9.76
C ALA A 14 -5.61 9.41 10.82
N LYS A 15 -6.60 8.53 10.84
CA LYS A 15 -6.76 7.51 11.88
C LYS A 15 -5.56 6.57 12.00
N VAL A 16 -4.56 6.76 11.12
CA VAL A 16 -3.37 5.90 11.08
C VAL A 16 -2.13 6.47 11.81
N ALA A 17 -2.20 7.73 12.21
CA ALA A 17 -1.07 8.27 12.93
C ALA A 17 -0.64 7.25 13.99
N PRO A 18 -1.58 6.82 14.85
CA PRO A 18 -1.28 5.92 15.98
C PRO A 18 -0.70 4.57 15.57
N ARG A 19 -1.33 3.92 14.59
CA ARG A 19 -0.85 2.64 14.08
C ARG A 19 0.58 2.72 13.60
N PHE A 20 0.90 3.75 12.82
CA PHE A 20 2.24 3.96 12.32
C PHE A 20 3.20 4.33 13.43
N ILE A 21 2.79 5.23 14.31
CA ILE A 21 3.60 5.49 15.48
C ILE A 21 3.85 4.15 16.17
N GLU A 22 2.76 3.56 16.67
CA GLU A 22 2.77 2.27 17.34
C GLU A 22 3.70 1.28 16.63
N GLY A 23 3.63 1.27 15.30
CA GLY A 23 4.46 0.41 14.47
C GLY A 23 5.92 0.80 14.48
N VAL A 24 6.19 2.08 14.20
CA VAL A 24 7.55 2.64 14.34
C VAL A 24 8.05 2.41 15.75
N ARG A 25 7.12 2.48 16.70
CA ARG A 25 7.42 2.30 18.11
C ARG A 25 8.16 0.98 18.31
N LEU A 26 7.52 -0.11 17.85
CA LEU A 26 8.04 -1.46 17.98
C LEU A 26 9.28 -1.64 17.11
N ALA A 27 9.20 -1.16 15.88
CA ALA A 27 10.35 -1.29 14.99
C ALA A 27 11.64 -0.93 15.75
N GLY A 28 11.50 -0.08 16.78
CA GLY A 28 12.65 0.33 17.60
C GLY A 28 13.80 0.98 16.82
N ASN A 29 13.66 1.02 15.52
CA ASN A 29 14.68 1.54 14.62
C ASN A 29 14.65 3.07 14.53
N GLY A 30 13.53 3.67 14.92
CA GLY A 30 13.34 5.12 14.78
C GLY A 30 12.20 5.64 15.62
N GLU A 31 12.01 6.96 15.65
CA GLU A 31 10.90 7.55 16.40
C GLU A 31 10.11 8.57 15.60
N VAL A 32 8.83 8.73 15.94
CA VAL A 32 8.02 9.79 15.39
C VAL A 32 8.10 11.02 16.32
N VAL A 33 8.47 12.17 15.75
CA VAL A 33 8.75 13.33 16.59
C VAL A 33 7.79 14.48 16.29
N ALA A 34 6.88 14.25 15.35
CA ALA A 34 6.14 15.35 14.79
C ALA A 34 4.97 14.89 13.95
N VAL A 35 3.90 15.66 14.07
CA VAL A 35 2.65 15.33 13.46
C VAL A 35 2.13 16.69 13.01
N SER A 36 1.19 16.71 12.08
CA SER A 36 0.61 17.98 11.68
C SER A 36 -0.85 17.85 11.27
N SER A 37 -1.61 18.93 11.40
CA SER A 37 -3.04 18.90 11.08
C SER A 37 -3.78 20.23 11.29
N ARG A 38 -3.79 21.08 10.27
CA ARG A 38 -4.56 22.36 10.21
C ARG A 38 -4.98 22.97 11.56
N THR A 39 -5.47 22.13 12.46
CA THR A 39 -5.72 22.53 13.82
C THR A 39 -4.43 22.33 14.60
N LEU A 40 -3.74 23.41 14.93
CA LEU A 40 -2.55 23.30 15.77
C LEU A 40 -2.98 22.76 17.14
N GLU A 41 -4.29 22.78 17.37
CA GLU A 41 -4.88 22.31 18.61
C GLU A 41 -4.87 20.78 18.68
N SER A 42 -5.31 20.17 17.58
CA SER A 42 -5.60 18.73 17.55
C SER A 42 -4.37 17.81 17.50
N ALA A 43 -4.50 16.65 18.16
CA ALA A 43 -3.41 15.67 18.30
C ALA A 43 -2.56 16.02 19.52
N GLN A 44 -3.12 16.92 20.35
CA GLN A 44 -2.43 17.57 21.46
C GLN A 44 -1.20 16.85 22.03
N ALA A 45 -0.39 17.65 22.73
CA ALA A 45 0.80 17.18 23.44
C ALA A 45 0.98 15.67 23.37
N LYS A 49 0.55 13.92 25.15
CA LYS A 49 -0.12 12.83 24.43
C LYS A 49 0.91 11.78 24.02
N TYR A 50 0.81 11.33 22.77
CA TYR A 50 1.80 10.43 22.22
C TYR A 50 3.21 10.96 22.44
N HIS A 51 3.33 11.97 23.31
CA HIS A 51 4.63 12.56 23.66
C HIS A 51 5.56 12.82 22.46
N LEU A 52 5.01 13.40 21.40
CA LEU A 52 5.80 13.87 20.26
C LEU A 52 6.40 15.25 20.58
N PRO A 53 7.73 15.38 20.50
CA PRO A 53 8.31 16.71 20.74
C PRO A 53 7.96 17.69 19.61
N LYS A 54 6.66 17.86 19.37
CA LYS A 54 6.12 18.98 18.60
C LYS A 54 5.09 18.68 17.52
N ALA A 55 4.28 19.69 17.22
CA ALA A 55 3.16 19.54 16.32
C ALA A 55 2.97 20.78 15.48
N TYR A 56 2.39 20.61 14.31
CA TYR A 56 2.34 21.68 13.34
C TYR A 56 0.99 21.75 12.65
N ASP A 57 0.57 22.94 12.27
CA ASP A 57 -0.66 23.11 11.50
C ASP A 57 -0.28 23.46 10.07
N LYS A 58 1.01 23.35 9.75
CA LYS A 58 1.52 23.64 8.40
C LYS A 58 2.65 22.72 8.02
N LEU A 59 2.54 22.17 6.82
CA LEU A 59 3.60 21.35 6.29
C LEU A 59 4.89 22.20 6.17
N GLU A 60 4.75 23.49 5.87
CA GLU A 60 5.89 24.39 5.81
C GLU A 60 6.66 24.31 7.12
N ASP A 61 5.93 24.33 8.22
CA ASP A 61 6.56 24.30 9.54
C ASP A 61 7.22 22.97 9.85
N MET A 62 6.59 21.87 9.50
CA MET A 62 7.23 20.59 9.79
C MET A 62 8.43 20.38 8.87
N LEU A 63 8.29 20.82 7.63
CA LEU A 63 9.41 20.73 6.68
C LEU A 63 10.62 21.59 7.12
N ALA A 64 10.38 22.62 7.93
CA ALA A 64 11.44 23.52 8.38
C ALA A 64 12.18 22.93 9.57
N ASP A 65 11.66 21.82 10.08
CA ASP A 65 12.27 21.17 11.22
C ASP A 65 13.48 20.33 10.81
N GLU A 66 14.65 20.81 11.17
CA GLU A 66 15.88 20.21 10.67
C GLU A 66 16.19 18.90 11.38
N SER A 67 15.38 18.52 12.37
CA SER A 67 15.73 17.31 13.07
C SER A 67 15.00 16.07 12.53
N ILE A 68 14.06 16.30 11.62
CA ILE A 68 13.31 15.23 10.97
C ILE A 68 14.04 14.74 9.73
N ASP A 69 14.24 13.43 9.60
CA ASP A 69 14.85 12.87 8.40
C ASP A 69 13.84 12.48 7.30
N VAL A 70 12.71 11.91 7.73
CA VAL A 70 11.70 11.34 6.83
C VAL A 70 10.29 11.85 7.13
N ILE A 71 9.53 12.12 6.08
CA ILE A 71 8.17 12.59 6.19
C ILE A 71 7.29 11.43 5.77
N TYR A 72 6.42 10.97 6.67
CA TYR A 72 5.50 9.89 6.33
C TYR A 72 4.19 10.51 5.80
N VAL A 73 3.92 10.37 4.50
CA VAL A 73 2.81 11.11 3.88
C VAL A 73 1.55 10.26 3.80
N ALA A 74 0.54 10.58 4.62
CA ALA A 74 -0.75 9.84 4.57
C ALA A 74 -1.98 10.74 4.26
N THR A 75 -1.76 11.69 3.36
CA THR A 75 -2.73 12.67 2.92
C THR A 75 -3.76 12.04 1.95
N ILE A 76 -4.82 12.82 1.64
CA ILE A 76 -5.69 12.52 0.54
C ILE A 76 -4.87 12.16 -0.69
N ASN A 77 -5.23 11.05 -1.33
CA ASN A 77 -4.52 10.52 -2.50
C ASN A 77 -4.02 11.53 -3.50
N GLN A 78 -4.90 12.48 -3.81
CA GLN A 78 -4.55 13.41 -4.87
C GLN A 78 -3.45 14.39 -4.38
N ASP A 79 -3.35 14.58 -3.08
CA ASP A 79 -2.37 15.51 -2.50
C ASP A 79 -1.04 14.84 -2.24
N HIS A 80 -0.95 13.54 -2.50
CA HIS A 80 0.28 12.81 -2.16
C HIS A 80 1.47 13.39 -2.93
N TYR A 81 1.27 13.60 -4.23
CA TYR A 81 2.29 14.06 -5.13
C TYR A 81 2.90 15.39 -4.63
N LYS A 82 2.03 16.37 -4.44
CA LYS A 82 2.37 17.71 -4.08
C LYS A 82 3.16 17.77 -2.76
N VAL A 83 2.74 16.95 -1.81
CA VAL A 83 3.30 16.91 -0.48
C VAL A 83 4.66 16.18 -0.48
N ALA A 84 4.74 15.04 -1.16
CA ALA A 84 6.02 14.34 -1.34
C ALA A 84 7.02 15.19 -2.13
N LYS A 85 6.53 15.94 -3.08
CA LYS A 85 7.39 16.82 -3.81
C LYS A 85 7.97 17.95 -2.92
N ALA A 86 7.13 18.52 -2.07
CA ALA A 86 7.60 19.58 -1.17
C ALA A 86 8.65 19.04 -0.19
N ALA A 87 8.39 17.87 0.36
CA ALA A 87 9.33 17.28 1.34
C ALA A 87 10.71 16.94 0.73
N LEU A 88 10.73 16.38 -0.47
CA LEU A 88 11.98 16.13 -1.16
C LEU A 88 12.72 17.47 -1.45
N LEU A 89 12.03 18.44 -2.02
CA LEU A 89 12.57 19.78 -2.19
C LEU A 89 13.04 20.39 -0.87
N ALA A 90 12.61 19.85 0.26
CA ALA A 90 13.02 20.35 1.55
C ALA A 90 14.17 19.55 2.18
N GLY A 91 14.67 18.54 1.47
CA GLY A 91 15.67 17.63 2.04
C GLY A 91 15.18 16.39 2.80
N LYS A 92 13.87 16.10 2.78
CA LYS A 92 13.41 14.93 3.54
C LYS A 92 13.42 13.68 2.67
N HIS A 93 13.76 12.54 3.25
CA HIS A 93 13.34 11.28 2.66
C HIS A 93 11.80 11.28 2.81
N VAL A 94 11.10 10.49 2.01
CA VAL A 94 9.63 10.44 2.00
C VAL A 94 9.18 8.99 1.88
N LEU A 95 8.20 8.64 2.73
CA LEU A 95 7.41 7.39 2.61
C LEU A 95 5.95 7.78 2.29
N VAL A 96 5.42 7.33 1.15
CA VAL A 96 4.05 7.71 0.73
C VAL A 96 3.08 6.52 0.89
N GLU A 97 2.04 6.72 1.68
CA GLU A 97 0.97 5.73 1.77
C GLU A 97 0.41 5.42 0.37
N LYS A 98 0.14 4.14 0.12
CA LYS A 98 -0.55 3.80 -1.13
C LYS A 98 -1.94 4.39 -1.09
N PRO A 99 -2.50 4.74 -2.27
CA PRO A 99 -1.81 4.62 -3.56
C PRO A 99 -0.79 5.75 -3.74
N PHE A 100 0.40 5.44 -4.22
CA PHE A 100 1.51 6.40 -4.29
C PHE A 100 1.04 7.75 -4.90
N THR A 101 0.62 7.76 -6.16
CA THR A 101 0.17 8.99 -6.81
C THR A 101 -1.00 8.63 -7.71
N LEU A 102 -1.71 9.62 -8.23
CA LEU A 102 -2.85 9.33 -9.12
C LEU A 102 -2.39 8.91 -10.52
N THR A 103 -1.24 9.47 -10.90
CA THR A 103 -0.77 9.51 -12.26
C THR A 103 0.60 8.85 -12.35
N TYR A 104 0.85 8.08 -13.38
CA TYR A 104 2.19 7.53 -13.63
C TYR A 104 3.26 8.63 -13.81
N ASP A 105 2.87 9.79 -14.36
CA ASP A 105 3.84 10.88 -14.53
C ASP A 105 4.25 11.46 -13.18
N GLN A 106 3.27 11.70 -12.31
CA GLN A 106 3.56 12.17 -10.95
C GLN A 106 4.60 11.27 -10.29
N ALA A 107 4.37 9.96 -10.40
CA ALA A 107 5.23 8.97 -9.74
C ALA A 107 6.65 8.94 -10.29
N ASN A 108 6.78 8.93 -11.62
CA ASN A 108 8.06 8.95 -12.25
C ASN A 108 8.82 10.21 -11.80
N GLU A 109 8.15 11.35 -11.88
CA GLU A 109 8.73 12.57 -11.35
C GLU A 109 9.23 12.44 -9.92
N LEU A 110 8.44 11.83 -9.06
CA LEU A 110 8.82 11.72 -7.65
C LEU A 110 10.12 10.92 -7.58
N PHE A 111 10.17 9.80 -8.30
CA PHE A 111 11.37 8.99 -8.18
C PHE A 111 12.57 9.65 -8.81
N ALA A 112 12.34 10.52 -9.79
CA ALA A 112 13.44 11.18 -10.50
C ALA A 112 14.01 12.25 -9.61
N LEU A 113 13.12 13.04 -9.02
CA LEU A 113 13.51 14.08 -8.06
C LEU A 113 14.24 13.49 -6.87
N ALA A 114 13.66 12.46 -6.26
CA ALA A 114 14.38 11.74 -5.22
C ALA A 114 15.77 11.29 -5.69
N GLU A 115 15.92 11.00 -6.98
CA GLU A 115 17.21 10.60 -7.54
C GLU A 115 18.14 11.80 -7.66
N SER A 116 17.65 12.87 -8.27
CA SER A 116 18.35 14.17 -8.25
C SER A 116 18.95 14.53 -6.88
N CYS A 117 18.10 14.53 -5.85
CA CYS A 117 18.43 15.11 -4.56
C CYS A 117 19.15 14.11 -3.69
N ASN A 118 19.29 12.90 -4.19
CA ASN A 118 19.82 11.79 -3.40
C ASN A 118 19.12 11.55 -2.06
N LEU A 119 17.81 11.27 -2.13
CA LEU A 119 16.97 11.01 -0.94
C LEU A 119 16.26 9.67 -1.04
N PHE A 120 15.91 9.07 0.10
CA PHE A 120 15.08 7.84 0.11
C PHE A 120 13.61 8.17 -0.25
N LEU A 121 13.04 7.38 -1.14
CA LEU A 121 11.62 7.45 -1.52
C LEU A 121 10.99 6.05 -1.69
N MET A 122 10.05 5.67 -0.83
CA MET A 122 9.34 4.36 -0.94
C MET A 122 7.83 4.56 -0.82
N GLU A 123 7.06 3.64 -1.40
CA GLU A 123 5.61 3.59 -1.15
C GLU A 123 5.37 2.72 0.07
N ALA A 124 4.58 3.21 1.00
CA ALA A 124 4.30 2.46 2.21
C ALA A 124 3.44 1.26 1.79
N GLN A 125 4.04 0.09 1.85
CA GLN A 125 3.57 -1.23 1.35
C GLN A 125 2.56 -1.33 0.27
N LYS A 126 1.37 -1.82 0.63
CA LYS A 126 0.56 -2.56 -0.32
C LYS A 126 0.86 -4.05 0.04
N SER A 127 1.27 -4.37 1.31
CA SER A 127 1.31 -5.83 1.78
C SER A 127 2.62 -6.69 1.75
N VAL A 128 3.74 -6.07 1.47
CA VAL A 128 4.89 -6.79 0.93
C VAL A 128 5.99 -7.00 2.00
N PHE A 129 5.67 -6.63 3.24
CA PHE A 129 6.63 -6.71 4.35
C PHE A 129 6.18 -7.63 5.46
N ILE A 130 4.89 -7.78 5.65
CA ILE A 130 4.43 -8.63 6.74
C ILE A 130 5.02 -10.04 6.63
N PRO A 131 5.33 -10.64 7.79
CA PRO A 131 6.03 -11.94 7.80
C PRO A 131 5.31 -13.05 7.00
N MET A 132 3.98 -13.04 7.02
CA MET A 132 3.22 -14.13 6.40
C MET A 132 3.40 -14.20 4.88
N THR A 133 3.61 -13.04 4.26
CA THR A 133 3.86 -12.93 2.85
C THR A 133 5.11 -13.67 2.45
N GLN A 134 6.16 -13.58 3.26
CA GLN A 134 7.38 -14.36 3.03
C GLN A 134 7.15 -15.86 3.15
N VAL A 135 6.30 -16.29 4.08
CA VAL A 135 5.93 -17.68 4.23
C VAL A 135 5.13 -18.21 3.03
N ILE A 136 4.12 -17.45 2.58
CA ILE A 136 3.36 -17.78 1.36
C ILE A 136 4.28 -17.84 0.15
N LYS A 137 5.10 -16.81 -0.04
CA LYS A 137 5.97 -16.76 -1.21
C LYS A 137 6.89 -18.00 -1.33
N LYS A 138 7.52 -18.37 -0.23
CA LYS A 138 8.42 -19.53 -0.19
C LYS A 138 7.65 -20.84 -0.38
N LEU A 139 6.54 -20.96 0.34
CA LEU A 139 5.63 -22.06 0.19
C LEU A 139 5.31 -22.29 -1.28
N LEU A 140 4.92 -21.23 -1.97
CA LEU A 140 4.54 -21.33 -3.39
C LEU A 140 5.76 -21.68 -4.23
N ALA A 141 6.90 -21.13 -3.93
CA ALA A 141 8.06 -21.37 -4.76
C ALA A 141 8.53 -22.81 -4.61
N SER A 142 8.11 -23.45 -3.54
CA SER A 142 8.37 -24.84 -3.34
C SER A 142 7.13 -25.68 -3.47
N GLY A 143 6.55 -25.75 -4.65
CA GLY A 143 5.40 -26.61 -4.90
C GLY A 143 4.42 -27.23 -3.93
N GLU A 144 4.27 -26.72 -2.73
CA GLU A 144 3.23 -27.11 -1.78
C GLU A 144 1.86 -27.23 -2.41
N ILE A 145 1.57 -26.41 -3.44
CA ILE A 145 0.33 -26.59 -4.18
C ILE A 145 0.54 -26.84 -5.67
N GLY A 146 1.74 -27.34 -6.01
CA GLY A 146 2.10 -27.63 -7.39
C GLY A 146 2.22 -26.37 -8.23
N GLU A 147 1.73 -26.43 -9.46
CA GLU A 147 1.87 -25.30 -10.38
C GLU A 147 0.69 -24.37 -10.16
N VAL A 148 0.95 -23.07 -9.96
CA VAL A 148 -0.16 -22.12 -9.81
C VAL A 148 -0.81 -21.78 -11.13
N ILE A 149 -2.13 -21.88 -11.14
CA ILE A 149 -2.92 -21.72 -12.32
C ILE A 149 -3.79 -20.47 -12.23
N SER A 150 -4.51 -20.30 -11.12
CA SER A 150 -5.55 -19.29 -11.04
C SER A 150 -5.52 -18.62 -9.69
N ILE A 151 -5.89 -17.34 -9.63
CA ILE A 151 -6.09 -16.62 -8.36
C ILE A 151 -7.37 -15.82 -8.36
N SER A 152 -8.12 -15.91 -7.26
CA SER A 152 -9.30 -15.11 -7.12
C SER A 152 -9.24 -14.34 -5.80
N SER A 153 -9.63 -13.07 -5.81
CA SER A 153 -9.49 -12.21 -4.64
C SER A 153 -10.68 -11.31 -4.56
N THR A 154 -11.22 -11.14 -3.36
CA THR A 154 -12.34 -10.23 -3.11
C THR A 154 -11.91 -9.34 -1.94
N THR A 155 -12.17 -8.05 -2.10
CA THR A 155 -11.96 -7.08 -1.04
C THR A 155 -13.25 -6.33 -0.94
N ALA A 156 -13.82 -6.25 0.29
CA ALA A 156 -15.04 -5.46 0.51
C ALA A 156 -15.03 -4.44 1.68
N TYR A 157 -15.33 -3.18 1.38
CA TYR A 157 -15.54 -2.14 2.43
C TYR A 157 -16.93 -1.51 2.29
N PRO A 158 -17.98 -2.17 2.80
CA PRO A 158 -19.32 -1.63 2.79
C PRO A 158 -19.51 -0.38 3.64
N ASN A 159 -18.55 -0.04 4.52
CA ASN A 159 -18.64 1.16 5.39
C ASN A 159 -17.67 2.26 4.92
N ILE A 160 -17.36 2.24 3.64
CA ILE A 160 -16.35 3.13 3.04
C ILE A 160 -16.70 4.64 3.13
N ASP A 161 -17.96 4.96 3.35
CA ASP A 161 -18.29 6.38 3.33
C ASP A 161 -17.81 7.08 4.59
N HIS A 162 -17.23 6.30 5.51
CA HIS A 162 -16.45 6.87 6.60
C HIS A 162 -15.26 7.69 6.07
N VAL A 163 -14.86 7.41 4.82
CA VAL A 163 -13.88 8.26 4.12
C VAL A 163 -14.66 9.23 3.22
N THR A 164 -14.65 10.50 3.60
CA THR A 164 -15.64 11.46 3.07
C THR A 164 -15.38 11.89 1.64
N TRP A 165 -14.19 11.60 1.15
CA TRP A 165 -13.86 11.98 -0.20
C TRP A 165 -13.85 10.77 -1.14
N PHE A 166 -14.28 9.61 -0.67
CA PHE A 166 -14.18 8.41 -1.50
C PHE A 166 -15.04 8.46 -2.79
N ARG A 167 -16.18 9.15 -2.73
CA ARG A 167 -17.11 9.15 -3.84
C ARG A 167 -16.69 10.05 -5.01
N GLU A 168 -15.61 10.81 -4.84
CA GLU A 168 -15.21 11.83 -5.83
C GLU A 168 -13.91 11.44 -6.57
N LEU A 169 -14.00 11.21 -7.87
CA LEU A 169 -12.86 10.78 -8.66
C LEU A 169 -11.76 11.83 -8.62
N GLU A 170 -12.11 13.11 -8.81
CA GLU A 170 -11.06 14.15 -8.87
C GLU A 170 -10.16 14.05 -7.65
N LEU A 171 -10.68 13.55 -6.53
CA LEU A 171 -9.88 13.44 -5.31
C LEU A 171 -9.08 12.15 -5.24
N GLY A 172 -9.30 11.31 -6.23
CA GLY A 172 -8.66 9.99 -6.29
C GLY A 172 -9.49 8.93 -5.55
N GLY A 173 -10.80 9.12 -5.54
CA GLY A 173 -11.76 8.16 -4.90
C GLY A 173 -12.03 6.96 -5.84
N GLY A 174 -12.79 6.01 -5.37
CA GLY A 174 -13.11 4.81 -6.11
C GLY A 174 -12.40 3.55 -5.62
N THR A 175 -13.03 2.40 -5.86
CA THR A 175 -12.48 1.09 -5.45
C THR A 175 -11.13 0.79 -6.10
N VAL A 176 -10.98 1.02 -7.40
CA VAL A 176 -9.66 0.75 -8.02
C VAL A 176 -8.57 1.60 -7.33
N HIS A 177 -8.74 2.93 -7.28
CA HIS A 177 -7.80 3.79 -6.52
C HIS A 177 -7.51 3.31 -5.12
N PHE A 178 -8.58 3.01 -4.38
CA PHE A 178 -8.42 2.63 -2.98
C PHE A 178 -7.94 1.24 -2.77
N MET A 179 -8.48 0.27 -3.53
CA MET A 179 -8.25 -1.13 -3.14
C MET A 179 -7.35 -1.94 -4.05
N ALA A 180 -7.16 -1.49 -5.27
CA ALA A 180 -6.32 -2.25 -6.18
C ALA A 180 -4.85 -2.33 -5.78
N PRO A 181 -4.27 -1.24 -5.22
CA PRO A 181 -2.79 -1.27 -4.97
C PRO A 181 -2.31 -2.49 -4.19
N TYR A 182 -3.04 -2.91 -3.15
CA TYR A 182 -2.62 -4.08 -2.40
C TYR A 182 -2.45 -5.26 -3.31
N ALA A 183 -3.46 -5.58 -4.11
CA ALA A 183 -3.40 -6.82 -4.93
C ALA A 183 -2.28 -6.71 -5.94
N LEU A 184 -2.22 -5.57 -6.64
CA LEU A 184 -1.27 -5.40 -7.74
C LEU A 184 0.20 -5.55 -7.32
N SER A 185 0.57 -5.09 -6.14
CA SER A 185 1.96 -5.20 -5.66
C SER A 185 2.14 -6.57 -4.98
N TYR A 186 1.13 -7.01 -4.24
CA TYR A 186 1.25 -8.33 -3.62
C TYR A 186 1.50 -9.46 -4.64
N LEU A 187 0.61 -9.55 -5.64
CA LEU A 187 0.71 -10.62 -6.63
C LEU A 187 2.07 -10.57 -7.35
N GLN A 188 2.53 -9.39 -7.69
CA GLN A 188 3.81 -9.32 -8.40
C GLN A 188 4.97 -9.77 -7.51
N TYR A 189 4.92 -9.36 -6.26
CA TYR A 189 5.92 -9.76 -5.28
C TYR A 189 5.94 -11.25 -5.00
N LEU A 190 4.77 -11.84 -4.81
CA LEU A 190 4.65 -13.27 -4.50
C LEU A 190 5.36 -14.17 -5.53
N PHE A 191 5.29 -13.76 -6.79
CA PHE A 191 5.77 -14.61 -7.88
C PHE A 191 6.98 -13.98 -8.55
N ASP A 192 7.47 -12.89 -7.95
CA ASP A 192 8.50 -12.10 -8.58
C ASP A 192 8.16 -11.98 -10.06
N ALA A 193 6.90 -11.73 -10.36
CA ALA A 193 6.40 -11.59 -11.74
C ALA A 193 6.03 -10.15 -12.08
N THR A 194 5.72 -9.91 -13.35
CA THR A 194 5.04 -8.69 -13.72
C THR A 194 3.62 -9.00 -14.22
N ILE A 195 2.88 -7.96 -14.55
CA ILE A 195 1.52 -8.06 -15.05
C ILE A 195 1.48 -7.77 -16.57
N THR A 196 1.03 -8.73 -17.39
CA THR A 196 1.10 -8.56 -18.85
C THR A 196 -0.22 -8.16 -19.50
N HIS A 197 -1.32 -8.32 -18.79
CA HIS A 197 -2.64 -7.85 -19.23
C HIS A 197 -3.38 -7.45 -17.98
N ALA A 198 -4.20 -6.42 -18.11
CA ALA A 198 -5.03 -5.90 -17.04
C ALA A 198 -6.23 -5.36 -17.78
N SER A 199 -7.44 -5.74 -17.35
CA SER A 199 -8.67 -5.12 -17.85
C SER A 199 -9.69 -5.11 -16.74
N GLY A 200 -10.81 -4.42 -16.94
CA GLY A 200 -11.79 -4.41 -15.89
C GLY A 200 -13.08 -3.79 -16.29
N THR A 201 -14.07 -3.95 -15.42
CA THR A 201 -15.29 -3.21 -15.53
C THR A 201 -15.63 -2.67 -14.17
N ALA A 202 -16.50 -1.66 -14.19
CA ALA A 202 -16.87 -0.93 -12.98
C ALA A 202 -18.29 -0.36 -12.95
N THR A 203 -18.76 -0.14 -11.72
CA THR A 203 -20.02 0.50 -11.45
C THR A 203 -19.74 1.93 -11.05
N PHE A 204 -20.22 2.86 -11.88
CA PHE A 204 -20.06 4.28 -11.59
C PHE A 204 -21.43 4.90 -11.44
N PRO A 205 -21.81 5.25 -10.20
CA PRO A 205 -23.01 6.10 -10.03
C PRO A 205 -22.74 7.43 -10.73
N LYS A 206 -23.80 8.12 -11.20
CA LYS A 206 -23.61 9.38 -11.90
C LYS A 206 -22.84 10.32 -11.03
N GLY A 207 -21.76 10.88 -11.57
CA GLY A 207 -21.00 11.94 -10.91
C GLY A 207 -19.88 11.44 -10.04
N GLN A 208 -19.80 10.13 -9.83
CA GLN A 208 -19.00 9.57 -8.75
C GLN A 208 -17.90 8.62 -9.25
N SER A 209 -17.00 8.29 -8.33
CA SER A 209 -16.00 7.29 -8.52
C SER A 209 -16.66 5.89 -8.51
N ASP A 210 -15.88 4.85 -8.78
CA ASP A 210 -16.42 3.51 -8.87
C ASP A 210 -16.81 2.93 -7.51
N SER A 211 -18.08 2.61 -7.39
CA SER A 211 -18.74 1.87 -6.29
C SER A 211 -18.15 0.47 -6.14
N GLN A 212 -17.66 -0.07 -7.23
CA GLN A 212 -17.14 -1.40 -7.23
C GLN A 212 -16.57 -1.69 -8.57
N SER A 213 -15.83 -2.78 -8.66
CA SER A 213 -15.06 -3.09 -9.88
C SER A 213 -14.67 -4.54 -9.85
N LYS A 214 -14.52 -5.12 -11.03
CA LYS A 214 -13.83 -6.43 -11.18
C LYS A 214 -12.72 -6.24 -12.17
N LEU A 215 -11.56 -6.86 -11.89
CA LEU A 215 -10.39 -6.73 -12.77
C LEU A 215 -9.94 -8.10 -13.07
N LEU A 216 -9.30 -8.22 -14.23
CA LEU A 216 -8.54 -9.38 -14.63
C LEU A 216 -7.12 -8.97 -14.86
N LEU A 217 -6.22 -9.86 -14.50
CA LEU A 217 -4.81 -9.66 -14.78
C LEU A 217 -4.33 -10.97 -15.33
N GLN A 218 -3.27 -10.90 -16.08
CA GLN A 218 -2.53 -12.11 -16.44
C GLN A 218 -1.13 -11.77 -15.97
N LEU A 219 -0.52 -12.65 -15.19
CA LEU A 219 0.86 -12.39 -14.75
C LEU A 219 1.84 -12.97 -15.79
N SER A 220 3.10 -12.61 -15.69
CA SER A 220 4.08 -12.94 -16.71
C SER A 220 4.36 -14.41 -16.65
N ASN A 221 4.08 -15.00 -15.49
CA ASN A 221 4.25 -16.42 -15.33
C ASN A 221 3.02 -17.24 -15.80
N GLY A 222 2.02 -16.58 -16.37
CA GLY A 222 0.87 -17.28 -16.97
C GLY A 222 -0.38 -17.33 -16.08
N VAL A 223 -0.24 -16.90 -14.83
CA VAL A 223 -1.28 -17.13 -13.87
C VAL A 223 -2.37 -16.13 -14.19
N LEU A 224 -3.63 -16.58 -14.15
CA LEU A 224 -4.81 -15.73 -14.46
C LEU A 224 -5.50 -15.31 -13.16
N VAL A 225 -5.76 -14.00 -13.00
CA VAL A 225 -6.18 -13.49 -11.73
C VAL A 225 -7.52 -12.81 -11.96
N ASP A 226 -8.51 -13.04 -11.08
CA ASP A 226 -9.71 -12.17 -11.10
C ASP A 226 -9.81 -11.49 -9.76
N ILE A 227 -10.06 -10.19 -9.75
CA ILE A 227 -10.17 -9.40 -8.54
C ILE A 227 -11.56 -8.75 -8.43
N PHE A 228 -12.16 -8.76 -7.24
CA PHE A 228 -13.43 -8.01 -7.03
C PHE A 228 -13.26 -7.06 -5.88
N LEU A 229 -13.57 -5.79 -6.10
CA LEU A 229 -13.39 -4.72 -5.09
C LEU A 229 -14.75 -4.09 -5.03
N THR A 230 -15.33 -4.08 -3.85
CA THR A 230 -16.69 -3.63 -3.73
C THR A 230 -16.95 -2.87 -2.41
N THR A 231 -17.93 -1.99 -2.45
CA THR A 231 -18.37 -1.33 -1.23
C THR A 231 -19.87 -1.66 -1.14
N ARG A 232 -20.33 -2.61 -1.95
CA ARG A 232 -21.79 -2.90 -2.08
CA ARG A 232 -21.80 -2.86 -1.98
C ARG A 232 -22.27 -4.18 -1.37
N LEU A 233 -21.35 -4.98 -0.82
CA LEU A 233 -21.68 -6.25 -0.23
C LEU A 233 -20.85 -6.42 1.02
N ASN A 234 -21.39 -7.09 2.04
CA ASN A 234 -20.56 -7.44 3.20
C ASN A 234 -19.93 -8.78 2.88
N LEU A 235 -18.74 -8.79 2.28
CA LEU A 235 -18.03 -10.05 2.10
C LEU A 235 -16.74 -10.00 2.89
N PRO A 236 -16.26 -11.16 3.35
CA PRO A 236 -14.99 -11.04 4.04
C PRO A 236 -13.89 -10.93 3.01
N HIS A 237 -12.78 -10.28 3.36
CA HIS A 237 -11.64 -10.19 2.47
C HIS A 237 -11.01 -11.56 2.30
N GLU A 238 -10.88 -12.03 1.06
CA GLU A 238 -10.33 -13.38 0.89
C GLU A 238 -9.69 -13.63 -0.48
N MET A 239 -8.50 -14.24 -0.50
CA MET A 239 -7.82 -14.55 -1.75
C MET A 239 -7.59 -16.04 -1.75
N ILE A 240 -7.90 -16.66 -2.87
CA ILE A 240 -7.65 -18.10 -3.00
C ILE A 240 -6.68 -18.33 -4.16
N ILE A 241 -5.58 -19.04 -3.88
CA ILE A 241 -4.60 -19.33 -4.88
C ILE A 241 -4.77 -20.82 -5.24
N TYR A 242 -5.08 -21.11 -6.49
CA TYR A 242 -5.37 -22.47 -6.93
C TYR A 242 -4.19 -23.01 -7.71
N GLY A 243 -3.60 -24.12 -7.27
CA GLY A 243 -2.52 -24.77 -8.03
C GLY A 243 -2.91 -26.19 -8.39
N THR A 244 -2.06 -26.88 -9.12
CA THR A 244 -2.37 -28.24 -9.56
C THR A 244 -2.45 -29.30 -8.46
N GLU A 245 -1.91 -29.03 -7.28
CA GLU A 245 -2.04 -30.04 -6.21
C GLU A 245 -2.62 -29.55 -4.92
N GLY A 246 -3.27 -28.38 -4.96
CA GLY A 246 -3.94 -27.83 -3.81
C GLY A 246 -4.28 -26.37 -3.97
N ARG A 247 -4.79 -25.77 -2.91
CA ARG A 247 -5.07 -24.35 -2.91
C ARG A 247 -4.54 -23.72 -1.62
N LEU A 248 -4.36 -22.40 -1.59
CA LEU A 248 -4.01 -21.71 -0.37
C LEU A 248 -5.08 -20.65 -0.21
N ILE A 249 -5.75 -20.65 0.94
CA ILE A 249 -6.80 -19.69 1.23
C ILE A 249 -6.25 -18.65 2.18
N ILE A 250 -6.14 -17.41 1.70
CA ILE A 250 -5.54 -16.34 2.42
C ILE A 250 -6.59 -15.27 2.82
N PRO A 251 -6.90 -15.18 4.12
CA PRO A 251 -7.84 -14.12 4.51
C PRO A 251 -7.13 -12.80 4.64
N HIS A 252 -7.82 -11.68 4.37
CA HIS A 252 -7.24 -10.31 4.48
C HIS A 252 -5.72 -10.31 4.31
N PHE A 253 -5.28 -10.69 3.12
CA PHE A 253 -3.88 -11.02 2.81
C PHE A 253 -2.84 -10.00 3.19
N TRP A 254 -3.24 -8.72 3.27
CA TRP A 254 -2.28 -7.66 3.51
C TRP A 254 -2.04 -7.42 5.01
N LYS A 255 -2.77 -8.16 5.84
CA LYS A 255 -2.90 -7.84 7.27
C LYS A 255 -2.82 -9.13 8.07
N THR A 256 -2.57 -10.26 7.42
CA THR A 256 -2.87 -11.55 8.03
C THR A 256 -1.70 -12.20 8.77
N THR A 257 -2.04 -12.92 9.82
CA THR A 257 -1.14 -13.75 10.58
C THR A 257 -1.22 -15.22 10.14
N HIS A 258 -2.15 -15.53 9.24
CA HIS A 258 -2.45 -16.93 8.89
C HIS A 258 -3.01 -17.15 7.50
N ALA A 259 -3.02 -18.42 7.10
CA ALA A 259 -3.52 -18.89 5.82
C ALA A 259 -3.72 -20.41 5.93
N LYS A 260 -4.65 -20.94 5.16
CA LYS A 260 -4.92 -22.39 5.19
C LYS A 260 -4.55 -23.10 3.91
N LEU A 261 -3.69 -24.11 4.00
CA LEU A 261 -3.31 -24.89 2.85
C LEU A 261 -4.16 -26.17 2.77
N VAL A 262 -4.84 -26.38 1.66
CA VAL A 262 -5.73 -27.49 1.44
C VAL A 262 -5.18 -28.28 0.26
N ARG A 263 -4.61 -29.44 0.55
CA ARG A 263 -3.96 -30.27 -0.47
C ARG A 263 -5.04 -31.04 -1.24
N ASN A 264 -4.83 -31.25 -2.54
CA ASN A 264 -5.72 -32.14 -3.28
C ASN A 264 -5.86 -33.42 -2.46
N ASP A 265 -6.98 -33.52 -1.75
CA ASP A 265 -7.01 -34.17 -0.42
C ASP A 265 -5.79 -34.97 0.09
N THR A 266 -5.65 -34.92 1.43
CA THR A 266 -4.39 -35.03 2.15
C THR A 266 -4.43 -33.80 3.01
N SER A 267 -5.64 -33.51 3.48
CA SER A 267 -6.22 -32.20 3.31
C SER A 267 -5.63 -30.93 3.94
N ALA A 268 -6.03 -30.59 5.15
CA ALA A 268 -5.88 -29.19 5.59
C ALA A 268 -4.86 -28.95 6.69
N ARG A 269 -4.07 -27.88 6.50
CA ARG A 269 -3.08 -27.44 7.46
C ARG A 269 -3.20 -25.91 7.59
N THR A 270 -3.32 -25.40 8.81
CA THR A 270 -3.18 -23.98 9.00
C THR A 270 -1.72 -23.55 9.10
N ILE A 271 -1.39 -22.48 8.39
CA ILE A 271 -0.07 -21.85 8.51
C ILE A 271 -0.22 -20.53 9.24
N GLN A 272 0.69 -20.27 10.17
CA GLN A 272 0.61 -19.08 10.99
C GLN A 272 1.97 -18.50 11.30
N VAL A 273 1.96 -17.22 11.69
CA VAL A 273 3.16 -16.56 12.13
C VAL A 273 2.87 -15.72 13.38
N ASP A 274 3.91 -15.09 13.92
CA ASP A 274 3.76 -14.12 14.99
C ASP A 274 3.78 -12.75 14.34
N MET A 275 2.89 -11.86 14.77
CA MET A 275 2.86 -10.48 14.29
C MET A 275 2.14 -9.59 15.28
N VAL A 276 2.85 -8.61 15.84
CA VAL A 276 2.29 -7.61 16.72
C VAL A 276 1.63 -6.60 15.80
N SER A 277 2.40 -6.14 14.83
CA SER A 277 2.06 -4.96 14.05
C SER A 277 2.28 -5.19 12.56
N ASP A 278 1.31 -4.82 11.73
CA ASP A 278 1.50 -4.93 10.29
C ASP A 278 2.42 -3.80 9.74
N PHE A 279 2.66 -2.77 10.56
CA PHE A 279 3.56 -1.67 10.20
C PHE A 279 4.99 -1.88 10.73
N GLU A 280 5.20 -2.87 11.58
CA GLU A 280 6.51 -2.99 12.22
C GLU A 280 7.67 -3.26 11.25
N LYS A 281 7.56 -4.31 10.46
CA LYS A 281 8.66 -4.67 9.57
C LYS A 281 8.89 -3.64 8.46
N GLU A 282 7.82 -3.03 7.97
CA GLU A 282 8.03 -1.99 6.96
C GLU A 282 8.76 -0.78 7.56
N ALA A 283 8.44 -0.46 8.82
CA ALA A 283 9.07 0.67 9.51
C ALA A 283 10.50 0.32 9.87
N TYR A 284 10.73 -0.90 10.30
CA TYR A 284 12.10 -1.35 10.52
C TYR A 284 12.96 -1.10 9.29
N HIS A 285 12.35 -1.37 8.14
CA HIS A 285 13.06 -1.43 6.87
C HIS A 285 13.39 -0.06 6.27
N VAL A 286 12.43 0.85 6.34
CA VAL A 286 12.62 2.20 5.85
C VAL A 286 13.78 2.85 6.57
N SER A 287 13.84 2.67 7.89
CA SER A 287 14.92 3.30 8.63
C SER A 287 16.29 2.67 8.36
N GLN A 288 16.30 1.39 7.96
CA GLN A 288 17.57 0.68 7.72
C GLN A 288 18.20 1.15 6.43
N MET A 289 17.39 1.18 5.38
CA MET A 289 17.73 1.71 4.07
C MET A 289 18.20 3.13 4.27
N ILE A 290 17.69 3.67 5.37
CA ILE A 290 17.88 5.04 5.72
C ILE A 290 19.30 5.13 6.33
N LEU A 291 19.50 4.41 7.44
CA LEU A 291 20.81 4.37 8.07
C LEU A 291 21.81 3.78 7.09
N GLU A 292 21.47 2.63 6.52
CA GLU A 292 22.34 1.95 5.56
C GLU A 292 22.65 2.79 4.31
N GLY A 293 22.15 4.03 4.26
CA GLY A 293 22.43 4.93 3.15
C GLY A 293 21.79 4.63 1.79
N GLN A 294 20.68 3.90 1.77
CA GLN A 294 19.98 3.59 0.53
C GLN A 294 19.06 4.68 0.01
N ARG A 295 18.76 4.66 -1.28
CA ARG A 295 18.01 5.72 -1.93
C ARG A 295 16.66 5.15 -2.41
N VAL A 296 16.58 3.82 -2.42
CA VAL A 296 15.38 3.09 -2.79
C VAL A 296 15.31 1.79 -2.00
N SER A 297 14.14 1.16 -2.04
CA SER A 297 13.94 -0.16 -1.45
C SER A 297 14.26 -1.25 -2.46
N HIS A 298 14.74 -2.40 -1.96
CA HIS A 298 14.85 -3.58 -2.79
C HIS A 298 13.69 -4.53 -2.51
N ILE A 299 12.80 -4.15 -1.58
CA ILE A 299 11.58 -4.90 -1.33
C ILE A 299 10.40 -4.24 -2.05
N MET A 300 10.05 -3.02 -1.67
CA MET A 300 8.98 -2.35 -2.41
C MET A 300 9.61 -1.39 -3.41
N THR A 301 10.01 -1.96 -4.53
CA THR A 301 10.84 -1.26 -5.47
C THR A 301 10.01 -0.22 -6.21
N PRO A 302 10.68 0.77 -6.80
CA PRO A 302 10.10 1.80 -7.68
C PRO A 302 9.39 1.13 -8.83
N GLN A 303 9.91 -0.01 -9.26
CA GLN A 303 9.34 -0.72 -10.39
C GLN A 303 7.95 -1.19 -10.03
N LEU A 304 7.85 -1.81 -8.87
CA LEU A 304 6.61 -2.31 -8.30
C LEU A 304 5.65 -1.13 -8.07
N THR A 305 6.16 -0.02 -7.56
CA THR A 305 5.29 1.15 -7.37
C THR A 305 4.78 1.67 -8.72
N LEU A 306 5.69 1.93 -9.63
CA LEU A 306 5.31 2.56 -10.92
C LEU A 306 4.32 1.71 -11.75
N SER A 307 4.51 0.39 -11.76
CA SER A 307 3.68 -0.51 -12.53
C SER A 307 2.20 -0.50 -11.99
N GLY A 308 2.03 -0.44 -10.67
CA GLY A 308 0.65 -0.31 -10.09
C GLY A 308 -0.03 1.00 -10.42
N VAL A 309 0.75 2.10 -10.37
CA VAL A 309 0.24 3.42 -10.70
C VAL A 309 -0.19 3.46 -12.19
N LYS A 310 0.71 3.06 -13.08
CA LYS A 310 0.38 2.94 -14.52
C LYS A 310 -0.89 2.12 -14.74
N ILE A 311 -0.96 0.94 -14.16
CA ILE A 311 -2.09 0.07 -14.45
C ILE A 311 -3.40 0.71 -13.98
N ILE A 312 -3.39 1.28 -12.80
CA ILE A 312 -4.60 1.93 -12.28
C ILE A 312 -5.02 3.11 -13.16
N GLU A 313 -4.07 3.97 -13.50
CA GLU A 313 -4.32 5.07 -14.41
C GLU A 313 -4.90 4.54 -15.70
N ASP A 314 -4.31 3.47 -16.25
CA ASP A 314 -4.76 2.90 -17.54
C ASP A 314 -6.22 2.41 -17.45
N LEU A 315 -6.55 1.73 -16.35
CA LEU A 315 -7.90 1.23 -16.15
C LEU A 315 -8.84 2.40 -16.23
N TYR A 316 -8.64 3.41 -15.40
CA TYR A 316 -9.51 4.56 -15.42
C TYR A 316 -9.57 5.24 -16.78
N ARG A 317 -8.44 5.38 -17.47
CA ARG A 317 -8.47 5.98 -18.82
C ARG A 317 -9.37 5.13 -19.73
N SER A 318 -9.30 3.81 -19.57
CA SER A 318 -10.04 2.95 -20.49
C SER A 318 -11.53 3.14 -20.28
N TRP A 319 -11.90 3.58 -19.09
CA TRP A 319 -13.29 3.79 -18.76
C TRP A 319 -13.75 5.24 -19.13
N GLY A 320 -12.85 6.07 -19.64
CA GLY A 320 -13.15 7.46 -19.85
C GLY A 320 -13.35 8.11 -18.49
N LYS A 321 -12.64 7.63 -17.47
CA LYS A 321 -12.81 8.17 -16.13
C LYS A 321 -11.54 8.81 -15.63
N GLU A 322 -10.73 9.32 -16.56
CA GLU A 322 -9.56 10.04 -16.18
C GLU A 322 -9.99 11.43 -15.76
N GLY A 323 -9.08 12.38 -15.93
CA GLY A 323 -9.37 13.79 -15.67
C GLY A 323 -8.96 14.65 -16.85
#